data_5APR
#
_entry.id   5APR
#
_cell.length_a   60.330
_cell.length_b   60.640
_cell.length_c   106.760
_cell.angle_alpha   90.00
_cell.angle_beta   90.00
_cell.angle_gamma   90.00
#
_symmetry.space_group_name_H-M   'P 21 21 21'
#
loop_
_entity.id
_entity.type
_entity.pdbx_description
1 polymer RHIZOPUSPEPSIN
2 polymer 'PEPSTATIN-LIKE RENIN INHIBITOR'
3 non-polymer 'CALCIUM ION'
4 water water
#
loop_
_entity_poly.entity_id
_entity_poly.type
_entity_poly.pdbx_seq_one_letter_code
_entity_poly.pdbx_strand_id
1 'polypeptide(L)'
;AGVGTVPMTDYGNDIEYYGQVTIGTPGKKFNLDFDTGSSDLWIASTLCTNCGSGQTKYDPNQSSTYQADGRTWSISYGDG
SSASGILAKDNVNLGGLLIKGQTIELAKREAASFASGPNDGLLGLGFDTITTVRGVKTPMDNLISQGLISRPIFGVYLGK
AKNGGGGEYIFGGYDSTKFKGSLTTVPIDNSRGWWGITVDRATVGTSTVASSFDGILDTGTTLLILPNNIAASVARAYGA
SDNGDGTYTISCDTSAFKPLVFSINGASFQVSPDSLVFEEFQGQCIAGFGYGNWGFAIIGDTFLKNNYVVFNQGVPEVQI
APVAE
;
E
2 'polypeptide(L)' HPFC(STA)LF(DHL) I
#
loop_
_chem_comp.id
_chem_comp.type
_chem_comp.name
_chem_comp.formula
CA non-polymer 'CALCIUM ION' 'Ca 2'
STA peptide-like STATINE 'C8 H17 N O3'
#
# COMPACT_ATOMS: atom_id res chain seq x y z
N ALA A 1 -13.41 -12.42 12.86
CA ALA A 1 -12.22 -12.76 12.05
C ALA A 1 -11.18 -13.31 13.02
N GLY A 2 -10.27 -14.10 12.49
CA GLY A 2 -9.21 -14.72 13.30
C GLY A 2 -8.33 -13.67 13.96
N VAL A 3 -7.42 -14.16 14.78
CA VAL A 3 -6.49 -13.24 15.48
C VAL A 3 -5.55 -12.59 14.47
N GLY A 4 -5.39 -11.28 14.56
CA GLY A 4 -4.52 -10.51 13.67
C GLY A 4 -5.07 -10.34 12.27
N THR A 5 -6.33 -10.69 12.06
CA THR A 5 -7.00 -10.60 10.77
C THR A 5 -7.75 -9.29 10.64
N VAL A 6 -7.44 -8.58 9.55
CA VAL A 6 -8.10 -7.31 9.31
C VAL A 6 -8.77 -7.26 7.94
N PRO A 7 -10.07 -7.28 7.88
CA PRO A 7 -10.80 -7.20 6.59
C PRO A 7 -10.58 -5.82 6.00
N MET A 8 -10.42 -5.70 4.70
CA MET A 8 -10.19 -4.37 4.10
C MET A 8 -11.37 -3.96 3.23
N THR A 9 -11.51 -2.69 2.98
CA THR A 9 -12.52 -2.09 2.12
C THR A 9 -11.74 -1.52 0.91
N ASP A 10 -12.23 -1.86 -0.25
CA ASP A 10 -11.71 -1.43 -1.54
C ASP A 10 -12.48 -0.14 -1.86
N TYR A 11 -11.74 0.94 -1.96
CA TYR A 11 -12.36 2.24 -2.26
C TYR A 11 -12.42 2.47 -3.75
N GLY A 12 -13.59 2.76 -4.28
CA GLY A 12 -13.73 3.00 -5.73
C GLY A 12 -13.23 1.82 -6.57
N ASN A 13 -12.64 2.16 -7.70
CA ASN A 13 -12.10 1.17 -8.65
C ASN A 13 -10.68 0.75 -8.28
N ASP A 14 -10.51 0.15 -7.11
CA ASP A 14 -9.22 -0.32 -6.62
C ASP A 14 -8.26 0.86 -6.46
N ILE A 15 -8.81 1.96 -5.93
CA ILE A 15 -7.97 3.14 -5.73
C ILE A 15 -7.05 2.93 -4.52
N GLU A 16 -7.64 2.44 -3.45
CA GLU A 16 -6.90 2.20 -2.21
C GLU A 16 -7.79 1.26 -1.37
N TYR A 17 -7.16 0.70 -0.36
CA TYR A 17 -7.69 -0.25 0.60
C TYR A 17 -7.42 0.18 2.04
N TYR A 18 -8.49 0.26 2.81
CA TYR A 18 -8.38 0.65 4.22
C TYR A 18 -9.00 -0.38 5.15
N GLY A 19 -8.55 -0.43 6.38
CA GLY A 19 -9.05 -1.35 7.40
C GLY A 19 -9.25 -0.54 8.70
N GLN A 20 -10.06 -1.09 9.58
CA GLN A 20 -10.41 -0.51 10.87
C GLN A 20 -9.36 -0.88 11.93
N VAL A 21 -9.00 0.15 12.66
CA VAL A 21 -7.98 0.02 13.73
C VAL A 21 -8.60 0.74 14.93
N THR A 22 -8.48 0.16 16.09
CA THR A 22 -9.02 0.79 17.30
C THR A 22 -7.87 1.46 18.04
N ILE A 23 -8.03 2.72 18.36
CA ILE A 23 -6.97 3.46 19.09
C ILE A 23 -7.54 4.10 20.36
N GLY A 24 -6.81 3.94 21.46
CA GLY A 24 -7.26 4.54 22.72
C GLY A 24 -8.00 3.60 23.66
N THR A 25 -8.37 4.21 24.78
CA THR A 25 -9.07 3.53 25.86
C THR A 25 -10.21 4.43 26.31
N PRO A 26 -11.44 3.97 26.16
CA PRO A 26 -11.85 2.68 25.62
C PRO A 26 -11.57 2.51 24.15
N GLY A 27 -11.39 3.57 23.38
CA GLY A 27 -11.07 3.41 21.97
C GLY A 27 -12.18 3.69 20.97
N LYS A 28 -11.74 4.21 19.85
CA LYS A 28 -12.46 4.61 18.67
C LYS A 28 -11.87 3.83 17.48
N LYS A 29 -12.71 3.58 16.48
CA LYS A 29 -12.35 2.89 15.25
C LYS A 29 -11.99 3.93 14.20
N PHE A 30 -10.87 3.69 13.57
CA PHE A 30 -10.36 4.57 12.52
C PHE A 30 -10.15 3.71 11.27
N ASN A 31 -10.39 4.31 10.14
CA ASN A 31 -10.18 3.65 8.86
C ASN A 31 -8.79 4.12 8.41
N LEU A 32 -7.83 3.26 8.40
CA LEU A 32 -6.49 3.68 7.96
C LEU A 32 -6.15 2.97 6.65
N ASP A 33 -5.40 3.66 5.82
CA ASP A 33 -4.87 3.17 4.54
C ASP A 33 -3.67 2.29 4.93
N PHE A 34 -3.54 1.05 4.58
CA PHE A 34 -2.40 0.16 4.94
C PHE A 34 -1.38 0.40 3.83
N ASP A 35 -0.30 1.05 4.25
CA ASP A 35 0.73 1.47 3.29
C ASP A 35 2.12 0.93 3.44
N THR A 36 2.48 0.01 2.53
CA THR A 36 3.86 -0.52 2.62
C THR A 36 4.93 0.46 2.14
N GLY A 37 4.54 1.58 1.56
CA GLY A 37 5.50 2.57 1.03
C GLY A 37 5.88 3.64 2.03
N SER A 38 5.41 3.57 3.27
CA SER A 38 5.74 4.60 4.30
C SER A 38 5.74 3.95 5.68
N SER A 39 6.27 4.63 6.69
CA SER A 39 6.36 4.01 8.01
C SER A 39 5.90 4.85 9.19
N ASP A 40 5.00 5.78 8.95
CA ASP A 40 4.44 6.63 10.01
C ASP A 40 2.95 6.25 10.20
N LEU A 41 2.53 6.21 11.44
CA LEU A 41 1.13 5.93 11.77
C LEU A 41 0.57 7.31 12.14
N TRP A 42 -0.22 7.92 11.31
CA TRP A 42 -0.78 9.24 11.66
C TRP A 42 -2.30 9.18 11.46
N ILE A 43 -3.01 9.98 12.21
CA ILE A 43 -4.46 10.09 12.20
C ILE A 43 -4.94 11.52 12.42
N ALA A 44 -6.06 11.81 11.80
CA ALA A 44 -6.78 13.10 11.89
C ALA A 44 -7.07 13.25 13.37
N SER A 45 -7.01 14.46 13.93
CA SER A 45 -7.25 14.57 15.39
C SER A 45 -8.04 15.83 15.67
N THR A 46 -8.50 16.01 16.89
CA THR A 46 -9.29 17.24 17.17
C THR A 46 -8.41 18.48 17.26
N LEU A 47 -7.12 18.36 17.03
CA LEU A 47 -6.17 19.47 17.03
C LEU A 47 -6.10 19.99 15.60
N CYS A 48 -6.65 19.23 14.67
CA CYS A 48 -6.62 19.55 13.25
C CYS A 48 -7.53 20.70 12.83
N THR A 49 -6.95 21.64 12.09
CA THR A 49 -7.71 22.81 11.64
C THR A 49 -8.11 22.80 10.20
N ASN A 50 -7.78 21.80 9.41
CA ASN A 50 -8.20 21.81 7.99
C ASN A 50 -8.53 20.36 7.59
N CYS A 51 -8.98 19.60 8.55
CA CYS A 51 -9.33 18.18 8.34
C CYS A 51 -10.79 18.08 7.86
N GLY A 52 -11.10 16.97 7.23
CA GLY A 52 -12.41 16.64 6.63
C GLY A 52 -13.48 16.46 7.70
N SER A 53 -14.65 17.03 7.46
CA SER A 53 -15.75 16.91 8.46
C SER A 53 -16.20 15.46 8.57
N GLY A 54 -15.90 14.72 7.52
CA GLY A 54 -16.25 13.29 7.44
C GLY A 54 -15.23 12.40 8.12
N GLN A 55 -14.02 12.84 8.37
CA GLN A 55 -13.03 11.95 9.00
C GLN A 55 -13.31 11.72 10.48
N THR A 56 -12.96 10.55 10.97
CA THR A 56 -13.12 10.27 12.41
C THR A 56 -11.83 10.86 13.02
N LYS A 57 -11.95 11.67 14.05
CA LYS A 57 -10.80 12.33 14.69
C LYS A 57 -10.47 11.81 16.05
N TYR A 58 -9.19 11.53 16.22
CA TYR A 58 -8.74 11.04 17.53
C TYR A 58 -8.83 12.25 18.50
N ASP A 59 -9.35 11.99 19.66
CA ASP A 59 -9.51 13.02 20.70
C ASP A 59 -8.69 12.59 21.91
N PRO A 60 -7.55 13.21 22.18
CA PRO A 60 -6.72 12.86 23.33
C PRO A 60 -7.51 12.85 24.63
N ASN A 61 -8.43 13.76 24.80
CA ASN A 61 -9.24 13.90 26.02
C ASN A 61 -10.15 12.70 26.30
N GLN A 62 -10.47 11.97 25.26
CA GLN A 62 -11.35 10.81 25.42
C GLN A 62 -10.61 9.49 25.54
N SER A 63 -9.30 9.52 25.68
CA SER A 63 -8.52 8.28 25.84
C SER A 63 -7.83 8.38 27.19
N SER A 64 -8.09 7.43 28.05
CA SER A 64 -7.45 7.46 29.37
C SER A 64 -6.01 6.96 29.26
N THR A 65 -5.59 6.51 28.09
CA THR A 65 -4.22 6.03 27.93
C THR A 65 -3.39 6.95 27.06
N TYR A 66 -3.87 8.13 26.74
CA TYR A 66 -3.10 9.08 25.93
C TYR A 66 -1.92 9.56 26.77
N GLN A 67 -0.78 9.71 26.13
CA GLN A 67 0.41 10.23 26.82
C GLN A 67 1.00 11.28 25.85
N ALA A 68 1.11 12.50 26.32
CA ALA A 68 1.65 13.62 25.54
C ALA A 68 3.13 13.36 25.24
N ASP A 69 3.58 13.98 24.19
CA ASP A 69 4.97 13.90 23.68
C ASP A 69 5.32 15.31 23.17
N GLY A 70 6.54 15.74 23.43
CA GLY A 70 6.93 17.07 22.99
C GLY A 70 7.40 17.16 21.56
N ARG A 71 7.43 16.12 20.75
CA ARG A 71 7.94 16.23 19.37
C ARG A 71 6.88 16.49 18.34
N THR A 72 7.29 17.09 17.25
CA THR A 72 6.39 17.39 16.13
C THR A 72 6.78 16.52 14.95
N TRP A 73 5.94 16.44 13.94
CA TRP A 73 6.29 15.61 12.78
C TRP A 73 5.70 16.32 11.57
N SER A 74 6.25 15.97 10.46
CA SER A 74 5.77 16.54 9.19
C SER A 74 6.10 15.49 8.13
N ILE A 75 5.20 15.24 7.21
CA ILE A 75 5.47 14.25 6.16
C ILE A 75 5.01 14.84 4.84
N SER A 76 5.70 14.42 3.82
CA SER A 76 5.42 14.84 2.44
C SER A 76 5.60 13.57 1.61
N TYR A 77 4.50 13.20 0.97
CA TYR A 77 4.51 11.97 0.17
C TYR A 77 4.88 12.26 -1.27
N GLY A 78 5.32 11.18 -1.88
CA GLY A 78 5.73 11.17 -3.29
C GLY A 78 4.73 11.93 -4.14
N ASP A 79 3.43 11.69 -3.98
CA ASP A 79 2.41 12.37 -4.79
C ASP A 79 2.12 13.82 -4.41
N GLY A 80 2.94 14.45 -3.57
CA GLY A 80 2.66 15.86 -3.22
C GLY A 80 1.71 16.07 -2.05
N SER A 81 1.09 15.00 -1.53
CA SER A 81 0.19 15.19 -0.38
C SER A 81 1.11 15.32 0.84
N SER A 82 0.56 15.83 1.93
CA SER A 82 1.32 16.02 3.17
C SER A 82 0.41 16.10 4.40
N ALA A 83 1.02 16.15 5.56
CA ALA A 83 0.36 16.22 6.86
C ALA A 83 1.42 16.60 7.89
N SER A 84 0.99 17.11 9.03
CA SER A 84 1.98 17.50 10.06
C SER A 84 1.27 17.59 11.40
N GLY A 85 2.01 17.54 12.49
CA GLY A 85 1.35 17.65 13.80
C GLY A 85 2.29 17.31 14.93
N ILE A 86 1.78 16.68 15.95
CA ILE A 86 2.56 16.31 17.11
C ILE A 86 2.51 14.82 17.39
N LEU A 87 3.50 14.32 18.10
CA LEU A 87 3.57 12.91 18.48
C LEU A 87 2.76 12.71 19.78
N ALA A 88 2.45 11.45 20.01
CA ALA A 88 1.68 11.05 21.21
C ALA A 88 1.89 9.55 21.37
N LYS A 89 1.37 9.03 22.45
CA LYS A 89 1.52 7.60 22.69
C LYS A 89 0.15 7.09 23.15
N ASP A 90 -0.23 5.93 22.66
CA ASP A 90 -1.51 5.33 23.08
C ASP A 90 -1.50 3.87 22.62
N ASN A 91 -2.57 3.15 22.91
CA ASN A 91 -2.67 1.74 22.53
C ASN A 91 -3.43 1.62 21.20
N VAL A 92 -2.95 0.68 20.41
CA VAL A 92 -3.52 0.42 19.08
C VAL A 92 -3.90 -1.06 18.98
N ASN A 93 -5.13 -1.29 18.58
CA ASN A 93 -5.65 -2.67 18.44
C ASN A 93 -5.75 -2.98 16.94
N LEU A 94 -4.90 -3.88 16.53
CA LEU A 94 -4.84 -4.32 15.12
C LEU A 94 -5.40 -5.73 15.05
N GLY A 95 -6.63 -5.87 14.57
CA GLY A 95 -7.24 -7.21 14.47
C GLY A 95 -7.19 -8.04 15.74
N GLY A 96 -7.39 -7.43 16.91
CA GLY A 96 -7.34 -8.18 18.14
C GLY A 96 -5.98 -8.15 18.81
N LEU A 97 -4.95 -7.64 18.17
CA LEU A 97 -3.61 -7.58 18.78
C LEU A 97 -3.49 -6.17 19.41
N LEU A 98 -3.34 -6.13 20.73
CA LEU A 98 -3.26 -4.82 21.38
C LEU A 98 -1.82 -4.38 21.53
N ILE A 99 -1.42 -3.42 20.72
CA ILE A 99 -0.04 -2.91 20.81
C ILE A 99 -0.03 -1.87 21.93
N LYS A 100 0.74 -2.11 22.96
CA LYS A 100 0.75 -1.10 24.03
C LYS A 100 1.78 -0.02 23.81
N GLY A 101 1.39 1.22 24.01
CA GLY A 101 2.31 2.34 23.90
C GLY A 101 2.97 2.61 22.59
N GLN A 102 2.17 2.54 21.54
CA GLN A 102 2.60 2.79 20.17
C GLN A 102 2.70 4.31 19.98
N THR A 103 3.73 4.78 19.27
CA THR A 103 3.87 6.20 18.96
C THR A 103 2.86 6.48 17.84
N ILE A 104 1.95 7.39 18.02
CA ILE A 104 0.96 7.75 17.02
C ILE A 104 1.23 9.22 16.68
N GLU A 105 0.90 9.63 15.49
CA GLU A 105 1.16 11.01 15.07
C GLU A 105 -0.15 11.68 14.80
N LEU A 106 -0.49 12.66 15.61
CA LEU A 106 -1.77 13.37 15.48
C LEU A 106 -1.62 14.54 14.52
N ALA A 107 -2.47 14.56 13.52
CA ALA A 107 -2.44 15.62 12.53
C ALA A 107 -3.06 16.91 13.07
N LYS A 108 -2.41 18.00 12.74
CA LYS A 108 -2.86 19.36 13.07
C LYS A 108 -3.26 20.01 11.74
N ARG A 109 -2.63 19.57 10.68
CA ARG A 109 -2.82 20.01 9.31
C ARG A 109 -2.65 18.80 8.37
N GLU A 110 -3.42 18.79 7.31
CA GLU A 110 -3.35 17.73 6.28
C GLU A 110 -3.73 18.33 4.94
N ALA A 111 -3.26 17.73 3.86
CA ALA A 111 -3.55 18.17 2.48
C ALA A 111 -5.04 17.90 2.21
N ALA A 112 -5.59 18.72 1.33
CA ALA A 112 -7.03 18.61 0.98
C ALA A 112 -7.38 17.23 0.46
N SER A 113 -6.43 16.62 -0.23
CA SER A 113 -6.65 15.29 -0.78
C SER A 113 -6.93 14.30 0.35
N PHE A 114 -6.40 14.56 1.53
CA PHE A 114 -6.66 13.64 2.64
C PHE A 114 -8.00 14.01 3.24
N ALA A 115 -8.26 15.30 3.25
CA ALA A 115 -9.50 15.83 3.85
C ALA A 115 -10.71 15.29 3.13
N SER A 116 -10.57 15.08 1.84
CA SER A 116 -11.65 14.58 0.98
C SER A 116 -11.63 13.10 0.67
N GLY A 117 -10.66 12.36 1.17
CA GLY A 117 -10.58 10.91 0.88
C GLY A 117 -11.43 10.16 1.91
N PRO A 118 -11.38 8.85 1.78
CA PRO A 118 -12.13 7.96 2.67
C PRO A 118 -11.47 7.51 3.95
N ASN A 119 -10.22 7.82 4.21
CA ASN A 119 -9.58 7.33 5.44
C ASN A 119 -9.34 8.44 6.46
N ASP A 120 -9.09 7.98 7.66
CA ASP A 120 -8.82 8.82 8.83
C ASP A 120 -7.32 9.02 9.00
N GLY A 121 -6.53 8.32 8.23
CA GLY A 121 -5.06 8.44 8.34
C GLY A 121 -4.37 7.27 7.69
N LEU A 122 -3.10 7.06 7.99
CA LEU A 122 -2.31 5.98 7.39
C LEU A 122 -1.59 5.15 8.44
N LEU A 123 -1.42 3.89 8.11
CA LEU A 123 -0.71 2.89 8.91
C LEU A 123 0.48 2.54 8.01
N GLY A 124 1.66 2.92 8.39
CA GLY A 124 2.85 2.64 7.59
C GLY A 124 3.44 1.26 7.86
N LEU A 125 3.63 0.51 6.78
CA LEU A 125 4.18 -0.85 6.92
C LEU A 125 5.54 -0.98 6.25
N GLY A 126 6.22 0.13 6.07
CA GLY A 126 7.58 0.10 5.47
C GLY A 126 8.55 -0.19 6.61
N PHE A 127 9.83 -0.12 6.36
CA PHE A 127 10.86 -0.37 7.39
C PHE A 127 11.01 0.85 8.28
N ASP A 128 11.50 0.64 9.50
CA ASP A 128 11.66 1.75 10.46
C ASP A 128 12.78 2.74 10.11
N THR A 129 13.55 2.43 9.08
CA THR A 129 14.64 3.34 8.67
C THR A 129 14.08 4.57 8.01
N ILE A 130 12.80 4.57 7.66
CA ILE A 130 12.19 5.73 7.00
C ILE A 130 11.10 6.38 7.83
N THR A 131 11.04 6.14 9.12
CA THR A 131 10.01 6.83 9.95
C THR A 131 10.43 8.30 9.86
N THR A 132 9.54 9.26 9.82
CA THR A 132 10.00 10.67 9.74
C THR A 132 10.63 11.15 11.04
N VAL A 133 10.37 10.53 12.17
CA VAL A 133 10.96 10.97 13.44
C VAL A 133 11.90 9.86 13.84
N ARG A 134 13.13 10.15 14.12
CA ARG A 134 14.11 9.14 14.53
C ARG A 134 13.76 8.52 15.87
N GLY A 135 13.87 7.22 16.01
CA GLY A 135 13.59 6.51 17.23
C GLY A 135 12.18 5.98 17.38
N VAL A 136 11.33 6.20 16.41
CA VAL A 136 9.94 5.72 16.45
C VAL A 136 9.90 4.25 16.01
N LYS A 137 9.35 3.42 16.87
CA LYS A 137 9.22 1.99 16.52
C LYS A 137 7.89 1.87 15.78
N THR A 138 7.88 1.21 14.63
CA THR A 138 6.64 1.05 13.85
C THR A 138 5.76 -0.01 14.47
N PRO A 139 4.50 -0.11 14.05
CA PRO A 139 3.58 -1.13 14.56
C PRO A 139 4.16 -2.52 14.38
N MET A 140 4.80 -2.87 13.26
CA MET A 140 5.36 -4.22 13.07
C MET A 140 6.50 -4.45 14.07
N ASP A 141 7.27 -3.40 14.28
CA ASP A 141 8.38 -3.56 15.26
C ASP A 141 7.77 -3.91 16.61
N ASN A 142 6.70 -3.25 17.01
CA ASN A 142 6.09 -3.52 18.32
C ASN A 142 5.35 -4.85 18.38
N LEU A 143 4.74 -5.27 17.27
CA LEU A 143 4.04 -6.58 17.27
C LEU A 143 5.08 -7.67 17.61
N ILE A 144 6.24 -7.49 16.98
CA ILE A 144 7.34 -8.44 17.18
C ILE A 144 7.88 -8.34 18.61
N SER A 145 8.28 -7.17 19.07
CA SER A 145 8.88 -7.10 20.42
C SER A 145 7.88 -7.35 21.51
N GLN A 146 6.59 -7.14 21.34
CA GLN A 146 5.63 -7.43 22.41
C GLN A 146 5.14 -8.88 22.36
N GLY A 147 5.67 -9.66 21.45
CA GLY A 147 5.36 -11.07 21.22
C GLY A 147 3.95 -11.28 20.69
N LEU A 148 3.36 -10.31 20.05
CA LEU A 148 1.99 -10.41 19.51
C LEU A 148 1.94 -11.26 18.24
N ILE A 149 3.01 -11.41 17.51
CA ILE A 149 3.05 -12.24 16.30
C ILE A 149 4.22 -13.18 16.56
N SER A 150 4.18 -14.41 16.09
CA SER A 150 5.32 -15.30 16.37
C SER A 150 6.24 -15.41 15.16
N ARG A 151 5.76 -14.93 14.04
CA ARG A 151 6.54 -14.91 12.79
C ARG A 151 6.41 -13.45 12.33
N PRO A 152 7.54 -12.89 11.94
CA PRO A 152 7.58 -11.48 11.52
C PRO A 152 7.01 -11.24 10.15
N ILE A 153 5.78 -11.71 9.96
CA ILE A 153 5.08 -11.57 8.67
C ILE A 153 3.67 -11.02 8.70
N PHE A 154 3.20 -10.67 7.51
CA PHE A 154 1.83 -10.20 7.29
C PHE A 154 1.46 -10.67 5.88
N GLY A 155 0.31 -11.29 5.74
CA GLY A 155 -0.16 -11.81 4.42
C GLY A 155 -1.16 -10.80 3.88
N VAL A 156 -1.02 -10.46 2.63
CA VAL A 156 -1.89 -9.46 1.99
C VAL A 156 -2.66 -9.93 0.76
N TYR A 157 -3.97 -9.72 0.87
CA TYR A 157 -4.94 -10.03 -0.19
C TYR A 157 -5.71 -8.73 -0.48
N LEU A 158 -5.64 -8.24 -1.69
CA LEU A 158 -6.34 -7.04 -2.14
C LEU A 158 -7.36 -7.52 -3.17
N GLY A 159 -8.63 -7.25 -2.96
CA GLY A 159 -9.61 -7.73 -3.95
C GLY A 159 -9.70 -6.75 -5.12
N LYS A 160 -10.49 -7.15 -6.09
CA LYS A 160 -10.78 -6.38 -7.28
C LYS A 160 -12.27 -5.95 -7.18
N ALA A 161 -12.50 -4.70 -7.44
CA ALA A 161 -13.85 -4.13 -7.39
C ALA A 161 -14.75 -4.93 -8.35
N LYS A 162 -14.16 -5.30 -9.47
CA LYS A 162 -14.94 -6.07 -10.47
C LYS A 162 -15.46 -7.37 -9.86
N ASN A 163 -14.81 -7.94 -8.87
CA ASN A 163 -15.26 -9.18 -8.26
C ASN A 163 -15.84 -8.92 -6.87
N GLY A 164 -16.28 -7.70 -6.57
CA GLY A 164 -16.82 -7.51 -5.19
C GLY A 164 -15.94 -6.75 -4.22
N GLY A 165 -14.71 -6.39 -4.57
CA GLY A 165 -13.83 -5.63 -3.69
C GLY A 165 -13.30 -6.44 -2.52
N GLY A 166 -13.16 -5.77 -1.39
CA GLY A 166 -12.64 -6.52 -0.23
C GLY A 166 -11.11 -6.51 -0.30
N GLY A 167 -10.60 -7.33 0.59
CA GLY A 167 -9.16 -7.52 0.78
C GLY A 167 -9.00 -7.99 2.23
N GLU A 168 -7.82 -8.48 2.54
CA GLU A 168 -7.59 -8.94 3.90
C GLU A 168 -6.12 -8.96 4.24
N TYR A 169 -5.79 -8.42 5.42
CA TYR A 169 -4.40 -8.46 5.87
C TYR A 169 -4.41 -9.40 7.08
N ILE A 170 -3.42 -10.24 7.21
CA ILE A 170 -3.30 -11.13 8.36
C ILE A 170 -1.92 -10.88 9.01
N PHE A 171 -1.93 -10.41 10.25
CA PHE A 171 -0.65 -10.14 10.92
C PHE A 171 -0.15 -11.39 11.60
N GLY A 172 1.00 -11.90 11.18
CA GLY A 172 1.56 -13.09 11.81
C GLY A 172 1.18 -14.38 11.12
N GLY A 173 0.50 -14.33 9.99
CA GLY A 173 0.14 -15.60 9.29
C GLY A 173 -0.27 -15.24 7.87
N TYR A 174 -0.78 -16.22 7.15
CA TYR A 174 -1.25 -16.02 5.77
C TYR A 174 -2.37 -17.05 5.52
N ASP A 175 -3.13 -16.77 4.47
CA ASP A 175 -4.29 -17.61 4.09
C ASP A 175 -4.14 -18.20 2.69
N SER A 176 -3.90 -19.50 2.63
CA SER A 176 -3.74 -20.21 1.34
C SER A 176 -5.02 -20.33 0.53
N THR A 177 -6.17 -19.90 1.01
CA THR A 177 -7.39 -19.98 0.21
C THR A 177 -7.33 -18.83 -0.80
N LYS A 178 -6.56 -17.79 -0.51
CA LYS A 178 -6.45 -16.63 -1.39
C LYS A 178 -5.48 -16.78 -2.55
N PHE A 179 -4.71 -17.84 -2.65
CA PHE A 179 -3.77 -17.91 -3.78
C PHE A 179 -3.73 -19.33 -4.34
N LYS A 180 -3.16 -19.44 -5.53
CA LYS A 180 -3.09 -20.78 -6.13
C LYS A 180 -1.66 -21.20 -6.35
N GLY A 181 -1.42 -22.49 -6.14
CA GLY A 181 -0.10 -23.11 -6.30
C GLY A 181 0.79 -22.84 -5.09
N SER A 182 2.09 -22.90 -5.31
CA SER A 182 3.16 -22.67 -4.37
C SER A 182 3.59 -21.20 -4.35
N LEU A 183 4.00 -20.76 -3.17
CA LEU A 183 4.51 -19.40 -2.98
C LEU A 183 5.95 -19.44 -3.51
N THR A 184 6.39 -18.35 -4.09
CA THR A 184 7.74 -18.17 -4.60
C THR A 184 8.44 -17.20 -3.63
N THR A 185 9.58 -17.56 -3.07
CA THR A 185 10.32 -16.68 -2.17
C THR A 185 11.16 -15.70 -2.99
N VAL A 186 11.09 -14.43 -2.65
CA VAL A 186 11.84 -13.39 -3.37
C VAL A 186 12.56 -12.56 -2.29
N PRO A 187 13.87 -12.41 -2.41
CA PRO A 187 14.64 -11.63 -1.44
C PRO A 187 14.28 -10.18 -1.59
N ILE A 188 14.32 -9.46 -0.49
CA ILE A 188 14.00 -8.04 -0.46
C ILE A 188 15.27 -7.21 -0.18
N ASP A 189 15.35 -6.09 -0.83
CA ASP A 189 16.46 -5.14 -0.58
C ASP A 189 15.81 -4.01 0.24
N ASN A 190 16.10 -3.92 1.51
CA ASN A 190 15.48 -2.83 2.31
C ASN A 190 16.46 -1.68 2.55
N SER A 191 17.50 -1.61 1.75
CA SER A 191 18.48 -0.51 1.94
C SER A 191 17.87 0.86 1.82
N ARG A 192 16.73 1.13 1.22
CA ARG A 192 16.17 2.48 1.15
C ARG A 192 14.93 2.57 2.04
N GLY A 193 14.73 1.54 2.86
CA GLY A 193 13.60 1.50 3.77
C GLY A 193 12.29 1.05 3.16
N TRP A 194 12.38 0.54 1.96
CA TRP A 194 11.23 0.01 1.21
C TRP A 194 11.32 -1.48 0.94
N TRP A 195 10.21 -2.04 0.46
CA TRP A 195 10.18 -3.48 0.11
C TRP A 195 10.61 -3.56 -1.36
N GLY A 196 11.91 -3.51 -1.59
CA GLY A 196 12.51 -3.52 -2.92
C GLY A 196 12.79 -4.91 -3.44
N ILE A 197 12.40 -5.12 -4.68
CA ILE A 197 12.66 -6.41 -5.32
C ILE A 197 13.22 -6.13 -6.73
N THR A 198 13.71 -7.19 -7.31
CA THR A 198 14.21 -7.15 -8.67
C THR A 198 13.26 -8.00 -9.55
N VAL A 199 12.83 -7.40 -10.63
CA VAL A 199 11.96 -8.08 -11.61
C VAL A 199 12.96 -8.50 -12.72
N ASP A 200 13.00 -9.74 -13.10
CA ASP A 200 13.94 -10.24 -14.11
C ASP A 200 13.65 -9.75 -15.50
N ARG A 201 12.39 -9.64 -15.85
CA ARG A 201 11.98 -9.16 -17.19
C ARG A 201 10.44 -9.09 -17.23
N ALA A 202 9.97 -8.42 -18.25
CA ALA A 202 8.54 -8.21 -18.50
C ALA A 202 8.29 -8.47 -19.99
N THR A 203 7.28 -9.28 -20.24
CA THR A 203 6.92 -9.65 -21.60
C THR A 203 5.43 -9.45 -21.82
N VAL A 204 5.05 -9.21 -23.04
CA VAL A 204 3.67 -9.06 -23.49
C VAL A 204 3.66 -10.05 -24.68
N GLY A 205 2.93 -11.15 -24.54
CA GLY A 205 2.97 -12.11 -25.68
C GLY A 205 4.42 -12.58 -25.78
N THR A 206 5.00 -12.59 -26.95
CA THR A 206 6.40 -13.02 -27.17
C THR A 206 7.42 -11.91 -27.09
N SER A 207 6.96 -10.68 -26.95
CA SER A 207 7.87 -9.53 -26.87
C SER A 207 8.42 -9.21 -25.49
N THR A 208 9.73 -9.04 -25.42
CA THR A 208 10.36 -8.69 -24.14
C THR A 208 10.29 -7.16 -24.07
N VAL A 209 9.38 -6.63 -23.28
CA VAL A 209 9.22 -5.17 -23.18
C VAL A 209 10.20 -4.56 -22.19
N ALA A 210 10.78 -5.38 -21.32
CA ALA A 210 11.74 -4.86 -20.36
C ALA A 210 12.65 -5.97 -19.85
N SER A 211 13.87 -5.53 -19.55
CA SER A 211 14.87 -6.43 -18.98
C SER A 211 14.76 -6.19 -17.45
N SER A 212 15.68 -6.68 -16.65
CA SER A 212 15.60 -6.52 -15.20
C SER A 212 15.59 -5.04 -14.81
N PHE A 213 14.80 -4.82 -13.79
CA PHE A 213 14.58 -3.50 -13.19
C PHE A 213 14.21 -3.74 -11.72
N ASP A 214 14.46 -2.72 -10.93
CA ASP A 214 14.11 -2.79 -9.51
C ASP A 214 12.76 -2.08 -9.31
N GLY A 215 12.07 -2.51 -8.27
CA GLY A 215 10.78 -1.87 -7.99
C GLY A 215 10.51 -1.99 -6.49
N ILE A 216 9.48 -1.28 -6.02
CA ILE A 216 9.10 -1.38 -4.61
C ILE A 216 7.63 -1.82 -4.56
N LEU A 217 7.39 -2.71 -3.63
CA LEU A 217 6.03 -3.26 -3.39
C LEU A 217 5.31 -2.20 -2.56
N ASP A 218 4.40 -1.50 -3.21
CA ASP A 218 3.68 -0.44 -2.49
C ASP A 218 2.16 -0.55 -2.53
N THR A 219 1.60 -1.02 -1.42
CA THR A 219 0.15 -1.15 -1.29
C THR A 219 -0.53 0.21 -1.31
N GLY A 220 0.18 1.27 -1.04
CA GLY A 220 -0.26 2.65 -0.98
C GLY A 220 -0.26 3.37 -2.30
N THR A 221 0.10 2.69 -3.39
CA THR A 221 0.12 3.33 -4.71
C THR A 221 -0.90 2.59 -5.59
N THR A 222 -1.75 3.35 -6.23
CA THR A 222 -2.76 2.77 -7.09
C THR A 222 -2.26 2.04 -8.33
N LEU A 223 -1.41 2.64 -9.13
CA LEU A 223 -0.93 2.04 -10.37
C LEU A 223 0.41 1.36 -10.29
N LEU A 224 0.74 0.84 -11.46
CA LEU A 224 2.02 0.20 -11.72
C LEU A 224 2.78 1.38 -12.35
N ILE A 225 3.68 2.00 -11.60
CA ILE A 225 4.43 3.16 -12.16
C ILE A 225 5.81 2.68 -12.59
N LEU A 226 6.10 2.86 -13.87
CA LEU A 226 7.38 2.42 -14.42
C LEU A 226 8.28 3.54 -14.90
N PRO A 227 9.59 3.35 -14.88
CA PRO A 227 10.55 4.33 -15.40
C PRO A 227 10.14 4.63 -16.84
N ASN A 228 10.36 5.83 -17.33
CA ASN A 228 9.98 6.29 -18.66
C ASN A 228 10.20 5.29 -19.81
N ASN A 229 11.41 4.81 -19.98
CA ASN A 229 11.70 3.91 -21.09
C ASN A 229 10.85 2.62 -21.01
N ILE A 230 10.76 2.05 -19.83
CA ILE A 230 10.00 0.81 -19.65
C ILE A 230 8.50 1.09 -19.90
N ALA A 231 7.98 2.17 -19.37
CA ALA A 231 6.56 2.49 -19.55
C ALA A 231 6.28 2.67 -21.04
N ALA A 232 7.19 3.36 -21.73
CA ALA A 232 7.00 3.60 -23.17
C ALA A 232 6.96 2.32 -23.98
N SER A 233 7.79 1.38 -23.62
CA SER A 233 7.89 0.07 -24.26
C SER A 233 6.61 -0.75 -24.06
N VAL A 234 6.08 -0.68 -22.83
CA VAL A 234 4.84 -1.35 -22.44
C VAL A 234 3.68 -0.73 -23.23
N ALA A 235 3.63 0.59 -23.22
CA ALA A 235 2.57 1.32 -23.92
C ALA A 235 2.54 0.95 -25.39
N ARG A 236 3.69 0.81 -26.03
CA ARG A 236 3.76 0.46 -27.45
C ARG A 236 3.11 -0.90 -27.71
N ALA A 237 3.28 -1.80 -26.75
CA ALA A 237 2.75 -3.15 -26.88
C ALA A 237 1.21 -3.15 -26.87
N TYR A 238 0.58 -2.21 -26.20
CA TYR A 238 -0.88 -2.14 -26.12
C TYR A 238 -1.51 -1.03 -26.91
N GLY A 239 -0.74 -0.25 -27.64
CA GLY A 239 -1.28 0.87 -28.42
C GLY A 239 -1.79 1.95 -27.49
N ALA A 240 -1.26 2.10 -26.28
CA ALA A 240 -1.72 3.12 -25.33
C ALA A 240 -1.15 4.48 -25.74
N SER A 241 -1.85 5.55 -25.46
CA SER A 241 -1.37 6.90 -25.84
C SER A 241 -1.06 7.70 -24.58
N ASP A 242 0.08 8.37 -24.60
CA ASP A 242 0.58 9.17 -23.47
C ASP A 242 -0.26 10.41 -23.25
N ASN A 243 -0.78 10.59 -22.06
CA ASN A 243 -1.62 11.76 -21.76
C ASN A 243 -0.75 12.96 -21.34
N GLY A 244 0.54 12.77 -21.28
CA GLY A 244 1.48 13.82 -20.89
C GLY A 244 1.45 14.13 -19.40
N ASP A 245 0.70 13.42 -18.59
CA ASP A 245 0.63 13.66 -17.14
C ASP A 245 1.07 12.45 -16.32
N GLY A 246 1.79 11.50 -16.90
CA GLY A 246 2.19 10.33 -16.08
C GLY A 246 1.20 9.19 -16.32
N THR A 247 0.17 9.46 -17.10
CA THR A 247 -0.83 8.43 -17.38
C THR A 247 -0.99 8.24 -18.90
N TYR A 248 -1.62 7.12 -19.25
CA TYR A 248 -1.89 6.72 -20.62
C TYR A 248 -3.41 6.47 -20.85
N THR A 249 -3.76 6.61 -22.10
CA THR A 249 -5.14 6.37 -22.57
C THR A 249 -4.99 5.05 -23.32
N ILE A 250 -5.84 4.14 -22.93
CA ILE A 250 -5.84 2.80 -23.51
C ILE A 250 -7.27 2.44 -23.91
N SER A 251 -7.36 1.45 -24.75
CA SER A 251 -8.65 0.93 -25.22
C SER A 251 -9.42 0.37 -24.01
N CYS A 252 -10.71 0.71 -23.95
CA CYS A 252 -11.56 0.24 -22.86
C CYS A 252 -11.82 -1.24 -23.03
N ASP A 253 -11.62 -1.74 -24.24
CA ASP A 253 -11.85 -3.16 -24.56
C ASP A 253 -10.56 -3.96 -24.42
N THR A 254 -10.42 -4.65 -23.30
CA THR A 254 -9.25 -5.46 -22.98
C THR A 254 -9.36 -6.90 -23.38
N SER A 255 -10.46 -7.26 -24.02
CA SER A 255 -10.72 -8.64 -24.45
C SER A 255 -9.64 -9.17 -25.39
N ALA A 256 -9.02 -8.27 -26.12
CA ALA A 256 -7.95 -8.57 -27.07
C ALA A 256 -6.53 -8.46 -26.50
N PHE A 257 -6.38 -7.94 -25.30
CA PHE A 257 -5.02 -7.77 -24.75
C PHE A 257 -4.47 -9.03 -24.10
N LYS A 258 -3.17 -9.14 -24.22
CA LYS A 258 -2.43 -10.24 -23.59
C LYS A 258 -2.00 -9.66 -22.24
N PRO A 259 -1.83 -10.52 -21.26
CA PRO A 259 -1.39 -10.09 -19.93
C PRO A 259 0.05 -9.58 -19.93
N LEU A 260 0.32 -8.70 -18.98
CA LEU A 260 1.68 -8.12 -18.79
C LEU A 260 2.28 -9.10 -17.79
N VAL A 261 3.24 -9.90 -18.15
CA VAL A 261 3.85 -10.89 -17.27
C VAL A 261 5.22 -10.48 -16.77
N PHE A 262 5.42 -10.57 -15.48
CA PHE A 262 6.70 -10.24 -14.82
C PHE A 262 7.35 -11.57 -14.46
N SER A 263 8.62 -11.71 -14.71
CA SER A 263 9.37 -12.93 -14.36
C SER A 263 10.12 -12.49 -13.10
N ILE A 264 9.82 -13.11 -11.97
CA ILE A 264 10.46 -12.73 -10.70
C ILE A 264 10.98 -14.00 -10.06
N ASN A 265 12.28 -14.00 -9.86
CA ASN A 265 12.95 -15.16 -9.22
C ASN A 265 12.51 -16.46 -9.86
N GLY A 266 12.43 -16.47 -11.17
CA GLY A 266 12.08 -17.67 -11.93
C GLY A 266 10.63 -18.08 -12.07
N ALA A 267 9.71 -17.26 -11.61
CA ALA A 267 8.27 -17.58 -11.71
C ALA A 267 7.60 -16.42 -12.43
N SER A 268 6.43 -16.64 -12.95
CA SER A 268 5.57 -15.73 -13.68
C SER A 268 4.46 -15.16 -12.80
N PHE A 269 4.29 -13.86 -12.89
CA PHE A 269 3.28 -13.12 -12.12
C PHE A 269 2.71 -12.15 -13.15
N GLN A 270 1.40 -12.01 -13.14
CA GLN A 270 0.90 -11.08 -14.16
C GLN A 270 -0.08 -10.04 -13.65
N VAL A 271 -0.28 -9.15 -14.59
CA VAL A 271 -1.25 -8.05 -14.54
C VAL A 271 -2.23 -8.58 -15.62
N SER A 272 -3.37 -9.09 -15.22
CA SER A 272 -4.38 -9.66 -16.10
C SER A 272 -4.97 -8.58 -16.99
N PRO A 273 -5.49 -8.89 -18.16
CA PRO A 273 -6.04 -7.91 -19.09
C PRO A 273 -6.99 -6.90 -18.47
N ASP A 274 -7.90 -7.34 -17.63
CA ASP A 274 -8.87 -6.45 -16.97
C ASP A 274 -8.14 -5.38 -16.12
N SER A 275 -7.01 -5.71 -15.55
CA SER A 275 -6.25 -4.76 -14.70
C SER A 275 -5.49 -3.70 -15.49
N LEU A 276 -5.41 -3.86 -16.79
CA LEU A 276 -4.72 -2.93 -17.69
C LEU A 276 -5.55 -1.66 -17.79
N VAL A 277 -6.82 -1.74 -17.42
CA VAL A 277 -7.71 -0.58 -17.41
C VAL A 277 -7.93 -0.22 -15.93
N PHE A 278 -7.52 0.98 -15.57
CA PHE A 278 -7.70 1.49 -14.21
C PHE A 278 -9.13 2.05 -14.01
N GLU A 279 -9.45 3.04 -14.82
CA GLU A 279 -10.72 3.74 -14.74
C GLU A 279 -11.28 4.13 -16.09
N GLU A 280 -12.57 4.24 -16.16
CA GLU A 280 -13.28 4.63 -17.41
C GLU A 280 -14.03 5.90 -17.08
N PHE A 281 -13.81 6.94 -17.85
CA PHE A 281 -14.46 8.24 -17.63
C PHE A 281 -14.96 8.79 -18.97
N GLN A 282 -16.28 8.84 -19.05
CA GLN A 282 -17.04 9.31 -20.21
C GLN A 282 -16.52 8.64 -21.49
N GLY A 283 -16.43 7.32 -21.38
CA GLY A 283 -15.99 6.44 -22.44
C GLY A 283 -14.53 6.43 -22.81
N GLN A 284 -13.66 7.03 -22.03
CA GLN A 284 -12.21 7.05 -22.26
C GLN A 284 -11.60 6.27 -21.08
N CYS A 285 -10.68 5.36 -21.36
CA CYS A 285 -10.08 4.58 -20.27
C CYS A 285 -8.63 4.94 -19.96
N ILE A 286 -8.36 5.02 -18.68
CA ILE A 286 -7.01 5.31 -18.16
C ILE A 286 -6.33 3.97 -17.87
N ALA A 287 -5.13 3.78 -18.36
CA ALA A 287 -4.42 2.51 -18.17
C ALA A 287 -4.00 2.32 -16.72
N GLY A 288 -3.78 1.07 -16.40
CA GLY A 288 -3.38 0.59 -15.08
C GLY A 288 -1.88 0.80 -14.78
N PHE A 289 -1.13 1.19 -15.79
CA PHE A 289 0.32 1.46 -15.71
C PHE A 289 0.51 2.93 -16.09
N GLY A 290 1.47 3.56 -15.45
CA GLY A 290 1.83 4.97 -15.65
C GLY A 290 3.36 5.08 -15.66
N TYR A 291 3.86 6.30 -15.73
CA TYR A 291 5.30 6.54 -15.77
C TYR A 291 5.63 7.63 -14.78
N GLY A 292 6.88 7.57 -14.39
CA GLY A 292 7.43 8.54 -13.43
C GLY A 292 8.91 8.65 -13.80
N ASN A 293 9.47 9.72 -13.31
CA ASN A 293 10.91 9.92 -13.59
C ASN A 293 11.79 9.23 -12.55
N TRP A 294 11.65 7.97 -12.22
CA TRP A 294 12.54 7.33 -11.26
C TRP A 294 13.18 6.16 -12.06
N GLY A 295 14.26 5.71 -11.47
CA GLY A 295 15.02 4.59 -12.05
C GLY A 295 14.41 3.28 -11.57
N PHE A 296 13.49 3.37 -10.63
CA PHE A 296 12.87 2.12 -10.11
C PHE A 296 11.37 2.23 -10.35
N ALA A 297 10.70 1.09 -10.34
CA ALA A 297 9.25 1.05 -10.51
C ALA A 297 8.54 1.06 -9.16
N ILE A 298 7.33 1.56 -9.18
CA ILE A 298 6.50 1.52 -7.95
C ILE A 298 5.47 0.41 -8.25
N ILE A 299 5.62 -0.72 -7.61
CA ILE A 299 4.69 -1.85 -7.89
C ILE A 299 3.47 -1.73 -6.98
N GLY A 300 2.49 -0.98 -7.45
CA GLY A 300 1.24 -0.67 -6.77
C GLY A 300 0.10 -1.68 -6.90
N ASP A 301 -1.06 -1.22 -6.50
CA ASP A 301 -2.33 -2.01 -6.50
C ASP A 301 -2.62 -2.71 -7.82
N THR A 302 -2.38 -2.14 -8.98
CA THR A 302 -2.60 -2.81 -10.26
C THR A 302 -2.00 -4.22 -10.24
N PHE A 303 -0.81 -4.32 -9.69
CA PHE A 303 -0.10 -5.60 -9.58
C PHE A 303 -0.53 -6.37 -8.34
N LEU A 304 -0.61 -5.67 -7.21
CA LEU A 304 -0.95 -6.42 -5.99
C LEU A 304 -2.34 -6.99 -5.98
N LYS A 305 -3.28 -6.45 -6.69
CA LYS A 305 -4.65 -7.05 -6.67
C LYS A 305 -4.68 -8.33 -7.50
N ASN A 306 -3.59 -8.70 -8.16
CA ASN A 306 -3.49 -9.91 -8.98
C ASN A 306 -2.57 -10.95 -8.32
N ASN A 307 -1.84 -10.60 -7.31
CA ASN A 307 -0.86 -11.47 -6.63
C ASN A 307 -0.84 -11.32 -5.12
N TYR A 308 -1.02 -12.46 -4.45
CA TYR A 308 -1.00 -12.50 -2.97
C TYR A 308 0.44 -12.31 -2.48
N VAL A 309 0.67 -11.53 -1.43
CA VAL A 309 2.05 -11.37 -0.96
C VAL A 309 2.18 -11.59 0.54
N VAL A 310 3.16 -12.37 0.94
CA VAL A 310 3.42 -12.56 2.38
C VAL A 310 4.65 -11.66 2.59
N PHE A 311 4.58 -10.67 3.42
CA PHE A 311 5.70 -9.75 3.68
C PHE A 311 6.45 -10.26 4.91
N ASN A 312 7.73 -10.52 4.83
CA ASN A 312 8.50 -11.01 6.01
C ASN A 312 9.53 -9.92 6.34
N GLN A 313 9.30 -9.19 7.40
CA GLN A 313 10.16 -8.10 7.84
C GLN A 313 11.43 -8.66 8.48
N GLY A 314 11.37 -9.87 8.95
CA GLY A 314 12.48 -10.53 9.59
C GLY A 314 13.68 -10.81 8.71
N VAL A 315 13.50 -11.45 7.56
CA VAL A 315 14.65 -11.81 6.72
C VAL A 315 15.46 -10.66 6.15
N PRO A 316 14.97 -9.73 5.37
CA PRO A 316 13.58 -9.61 4.92
C PRO A 316 13.38 -10.33 3.58
N GLU A 317 12.16 -10.71 3.29
CA GLU A 317 11.84 -11.38 2.02
C GLU A 317 10.33 -11.31 1.82
N VAL A 318 9.89 -11.77 0.65
CA VAL A 318 8.43 -11.80 0.38
C VAL A 318 8.19 -13.19 -0.26
N GLN A 319 6.97 -13.63 -0.19
CA GLN A 319 6.51 -14.90 -0.79
C GLN A 319 5.34 -14.45 -1.67
N ILE A 320 5.32 -14.83 -2.94
CA ILE A 320 4.26 -14.36 -3.83
C ILE A 320 3.64 -15.54 -4.58
N ALA A 321 2.37 -15.38 -4.88
CA ALA A 321 1.60 -16.38 -5.65
C ALA A 321 0.44 -15.63 -6.28
N PRO A 322 0.04 -16.10 -7.45
CA PRO A 322 -1.09 -15.53 -8.19
C PRO A 322 -2.36 -15.63 -7.34
N VAL A 323 -3.26 -14.66 -7.39
CA VAL A 323 -4.49 -14.73 -6.60
C VAL A 323 -5.38 -15.88 -7.12
N ALA A 324 -6.12 -16.44 -6.17
CA ALA A 324 -7.07 -17.52 -6.44
C ALA A 324 -8.30 -16.78 -6.98
N GLU A 325 -8.65 -17.02 -8.21
CA GLU A 325 -9.84 -16.29 -8.73
C GLU A 325 -10.30 -17.07 -9.96
N PRO B 2 -5.83 8.39 -8.27
CA PRO B 2 -4.79 7.45 -7.85
C PRO B 2 -3.98 8.02 -6.69
N PHE B 3 -3.53 7.18 -5.78
CA PHE B 3 -2.71 7.54 -4.60
C PHE B 3 -1.25 7.16 -4.74
N CYS B 4 -0.35 7.89 -4.09
CA CYS B 4 1.07 7.49 -4.17
C CYS B 4 1.73 8.01 -2.86
N STA B 5 1.63 7.10 -1.91
CA STA B 5 2.06 7.12 -0.53
CB STA B 5 0.90 7.42 0.40
CG STA B 5 -0.26 8.24 -0.23
CD1 STA B 5 -1.65 7.95 0.39
CD2 STA B 5 -0.01 9.76 -0.01
CH STA B 5 3.19 6.19 -0.14
OH STA B 5 2.79 4.80 -0.26
CM STA B 5 4.50 6.31 -0.94
C STA B 5 5.18 7.62 -0.51
O STA B 5 4.84 8.63 -1.06
N LEU B 6 6.24 7.40 0.26
CA LEU B 6 7.31 8.34 0.61
C LEU B 6 8.08 8.84 -0.62
N PHE B 7 8.53 7.86 -1.37
CA PHE B 7 9.29 8.10 -2.61
C PHE B 7 8.59 7.27 -3.70
N DHL B 8 7.96 8.05 -4.57
CA DHL B 8 7.21 7.47 -5.69
CB DHL B 8 6.02 8.35 -6.04
SG DHL B 8 4.69 8.31 -4.84
CA CA C . -1.42 6.59 -1.40
#